data_2G3B
#
_entry.id   2G3B
#
_cell.length_a   53.890
_cell.length_b   75.320
_cell.length_c   100.248
_cell.angle_alpha   90.000
_cell.angle_beta   90.000
_cell.angle_gamma   90.000
#
_symmetry.space_group_name_H-M   'P 21 21 21'
#
loop_
_entity.id
_entity.type
_entity.pdbx_description
1 polymer 'putative TetR-family transcriptional regulator'
2 non-polymer GLYCEROL
3 water water
#
_entity_poly.entity_id   1
_entity_poly.type   'polypeptide(L)'
_entity_poly.pdbx_seq_one_letter_code
;(MSE)SERRDAILKASATAIAQRGIRGLRVNDVAEVAGVSPGLLYYHFKDRIGLLEAALNYINDRARAYRSEGEGSGDSA
RDRLTRSLLGEIQDRPEVVENSLAWNELRASAVYEEALRDPLARTTAAWVSEIADAIVQAQATGEISRSLDPQPTAVT
(MSE)TALVEGLSGRWLCKEISTEDARSHLLGAIDVV(MSE)SEPTHHTADTPVTPTPKEYR
;
_entity_poly.pdbx_strand_id   A,B
#
# COMPACT_ATOMS: atom_id res chain seq x y z
N SER A 2 8.70 -31.95 -1.26
CA SER A 2 9.28 -30.59 -1.37
C SER A 2 9.18 -29.96 -2.78
N GLU A 3 9.35 -30.78 -3.81
CA GLU A 3 8.86 -30.44 -5.15
C GLU A 3 7.33 -30.22 -5.13
N ARG A 4 6.64 -30.97 -4.29
CA ARG A 4 5.18 -30.85 -4.24
C ARG A 4 4.72 -29.65 -3.39
N ARG A 5 5.41 -29.39 -2.29
CA ARG A 5 5.16 -28.18 -1.49
C ARG A 5 5.36 -26.94 -2.36
N ASP A 6 6.47 -26.88 -3.10
CA ASP A 6 6.74 -25.78 -4.06
C ASP A 6 5.64 -25.60 -5.12
N ALA A 7 5.12 -26.70 -5.68
CA ALA A 7 4.00 -26.64 -6.64
C ALA A 7 2.75 -26.08 -5.99
N ILE A 8 2.49 -26.49 -4.75
CA ILE A 8 1.31 -26.00 -4.06
C ILE A 8 1.41 -24.45 -3.86
N LEU A 9 2.59 -24.03 -3.41
CA LEU A 9 2.80 -22.62 -3.04
C LEU A 9 2.79 -21.75 -4.30
N LYS A 10 3.45 -22.22 -5.35
CA LYS A 10 3.44 -21.53 -6.64
C LYS A 10 1.98 -21.32 -7.15
N ALA A 11 1.17 -22.37 -7.08
CA ALA A 11 -0.24 -22.27 -7.48
C ALA A 11 -1.02 -21.35 -6.53
N SER A 12 -0.64 -21.35 -5.26
CA SER A 12 -1.29 -20.49 -4.29
C SER A 12 -0.99 -19.02 -4.58
N ALA A 13 0.27 -18.71 -4.85
CA ALA A 13 0.67 -17.36 -5.27
C ALA A 13 -0.15 -16.82 -6.48
N THR A 14 -0.31 -17.65 -7.52
CA THR A 14 -1.13 -17.28 -8.67
C THR A 14 -2.63 -17.04 -8.36
N ALA A 15 -3.24 -17.95 -7.60
CA ALA A 15 -4.61 -17.81 -7.12
C ALA A 15 -4.81 -16.54 -6.31
N ILE A 16 -3.90 -16.31 -5.40
CA ILE A 16 -3.97 -15.07 -4.65
C ILE A 16 -3.84 -13.83 -5.53
N ALA A 17 -2.84 -13.80 -6.42
CA ALA A 17 -2.63 -12.67 -7.30
C ALA A 17 -3.86 -12.36 -8.19
N GLN A 18 -4.52 -13.42 -8.66
CA GLN A 18 -5.52 -13.29 -9.70
C GLN A 18 -6.94 -13.15 -9.18
N ARG A 19 -7.23 -13.81 -8.06
CA ARG A 19 -8.60 -14.01 -7.56
C ARG A 19 -8.74 -13.50 -6.11
N GLY A 20 -7.62 -13.11 -5.54
CA GLY A 20 -7.54 -12.65 -4.17
C GLY A 20 -7.68 -13.80 -3.18
N ILE A 21 -7.58 -13.46 -1.90
CA ILE A 21 -7.81 -14.43 -0.82
C ILE A 21 -9.19 -15.15 -0.91
N ARG A 22 -10.27 -14.45 -1.24
CA ARG A 22 -11.59 -15.13 -1.41
C ARG A 22 -11.68 -16.06 -2.63
N GLY A 23 -10.78 -15.87 -3.60
CA GLY A 23 -10.84 -16.67 -4.82
C GLY A 23 -9.93 -17.88 -4.77
N LEU A 24 -9.14 -17.94 -3.69
CA LEU A 24 -8.26 -19.07 -3.38
C LEU A 24 -9.10 -20.21 -2.81
N ARG A 25 -9.09 -21.33 -3.51
CA ARG A 25 -9.79 -22.49 -3.06
C ARG A 25 -8.76 -23.65 -3.04
N VAL A 26 -8.72 -24.36 -1.92
CA VAL A 26 -7.81 -25.54 -1.75
C VAL A 26 -7.91 -26.54 -2.89
N ASN A 27 -9.13 -26.83 -3.31
CA ASN A 27 -9.35 -27.81 -4.38
C ASN A 27 -8.79 -27.36 -5.71
N ASP A 28 -8.94 -26.06 -5.99
CA ASP A 28 -8.41 -25.52 -7.23
C ASP A 28 -6.86 -25.46 -7.22
N VAL A 29 -6.31 -24.94 -6.11
CA VAL A 29 -4.87 -24.91 -5.86
C VAL A 29 -4.27 -26.30 -5.99
N ALA A 30 -4.86 -27.23 -5.27
CA ALA A 30 -4.38 -28.60 -5.36
C ALA A 30 -4.49 -29.17 -6.80
N GLU A 31 -5.60 -28.94 -7.50
CA GLU A 31 -5.71 -29.36 -8.91
C GLU A 31 -4.63 -28.68 -9.77
N VAL A 32 -4.46 -27.36 -9.64
CA VAL A 32 -3.41 -26.67 -10.39
C VAL A 32 -2.08 -27.35 -10.12
N ALA A 33 -1.87 -27.73 -8.87
CA ALA A 33 -0.55 -28.17 -8.46
C ALA A 33 -0.30 -29.64 -8.78
N GLY A 34 -1.34 -30.33 -9.27
CA GLY A 34 -1.26 -31.74 -9.63
C GLY A 34 -1.20 -32.61 -8.38
N VAL A 35 -1.79 -32.13 -7.29
CA VAL A 35 -1.79 -32.93 -6.04
C VAL A 35 -3.20 -33.06 -5.45
N SER A 36 -3.35 -33.81 -4.37
CA SER A 36 -4.64 -33.99 -3.74
C SER A 36 -4.80 -32.91 -2.66
N PRO A 37 -6.04 -32.48 -2.41
CA PRO A 37 -6.32 -31.66 -1.22
C PRO A 37 -5.69 -32.24 0.06
N GLY A 38 -5.73 -33.57 0.28
CA GLY A 38 -5.19 -34.17 1.52
C GLY A 38 -3.68 -33.93 1.67
N LEU A 39 -2.97 -33.89 0.56
CA LEU A 39 -1.51 -33.62 0.67
C LEU A 39 -1.31 -32.20 1.11
N LEU A 40 -2.14 -31.30 0.58
CA LEU A 40 -2.03 -29.90 0.94
C LEU A 40 -2.27 -29.72 2.46
N TYR A 41 -3.30 -30.37 2.98
CA TYR A 41 -3.57 -30.33 4.42
C TYR A 41 -2.51 -31.01 5.27
N TYR A 42 -1.95 -32.11 4.77
CA TYR A 42 -0.80 -32.72 5.44
C TYR A 42 0.37 -31.74 5.61
N HIS A 43 0.71 -31.00 4.56
CA HIS A 43 1.89 -30.09 4.70
C HIS A 43 1.59 -28.79 5.39
N PHE A 44 0.39 -28.26 5.21
CA PHE A 44 0.09 -26.88 5.65
C PHE A 44 -1.02 -26.78 6.71
N LYS A 45 -1.65 -27.92 6.98
CA LYS A 45 -2.63 -28.15 8.06
C LYS A 45 -4.01 -27.63 7.72
N ASP A 46 -4.06 -26.37 7.34
CA ASP A 46 -5.33 -25.65 7.18
C ASP A 46 -5.12 -24.42 6.29
N ARG A 47 -6.20 -23.69 6.03
CA ARG A 47 -6.12 -22.59 5.09
CA ARG A 47 -6.19 -22.55 5.13
C ARG A 47 -5.22 -21.45 5.61
N ILE A 48 -5.27 -21.15 6.91
CA ILE A 48 -4.31 -20.15 7.42
C ILE A 48 -2.85 -20.64 7.32
N GLY A 49 -2.61 -21.91 7.61
CA GLY A 49 -1.23 -22.47 7.43
C GLY A 49 -0.76 -22.33 5.97
N LEU A 50 -1.68 -22.58 5.02
CA LEU A 50 -1.40 -22.40 3.58
C LEU A 50 -0.99 -20.96 3.28
N LEU A 51 -1.75 -20.01 3.82
CA LEU A 51 -1.52 -18.59 3.48
C LEU A 51 -0.20 -18.11 4.11
N GLU A 52 0.01 -18.49 5.37
CA GLU A 52 1.30 -18.22 6.03
C GLU A 52 2.45 -18.72 5.17
N ALA A 53 2.39 -19.98 4.73
CA ALA A 53 3.46 -20.52 3.90
C ALA A 53 3.55 -19.81 2.54
N ALA A 54 2.42 -19.37 1.98
CA ALA A 54 2.43 -18.61 0.71
C ALA A 54 3.05 -17.21 0.91
N LEU A 55 2.70 -16.54 1.99
CA LEU A 55 3.41 -15.30 2.32
C LEU A 55 4.93 -15.53 2.28
N ASN A 56 5.42 -16.57 2.95
CA ASN A 56 6.87 -16.78 3.02
C ASN A 56 7.49 -17.16 1.65
N TYR A 57 6.77 -17.99 0.90
CA TYR A 57 7.15 -18.36 -0.47
C TYR A 57 7.37 -17.10 -1.36
N ILE A 58 6.40 -16.20 -1.36
CA ILE A 58 6.42 -14.94 -2.14
C ILE A 58 7.63 -14.09 -1.68
N ASN A 59 7.82 -14.05 -0.37
CA ASN A 59 8.99 -13.29 0.18
C ASN A 59 10.33 -13.91 -0.23
N ASP A 60 10.43 -15.24 -0.14
CA ASP A 60 11.58 -15.97 -0.67
C ASP A 60 11.81 -15.73 -2.15
N ARG A 61 10.75 -15.75 -2.95
CA ARG A 61 10.85 -15.42 -4.37
C ARG A 61 11.34 -13.96 -4.62
N ALA A 62 10.79 -13.01 -3.85
CA ALA A 62 11.15 -11.57 -3.97
C ALA A 62 12.60 -11.39 -3.57
N ARG A 63 12.99 -12.02 -2.47
CA ARG A 63 14.40 -12.03 -2.06
C ARG A 63 15.40 -12.43 -3.13
N ALA A 64 15.11 -13.47 -3.91
CA ALA A 64 15.93 -13.81 -5.08
C ALA A 64 16.09 -12.64 -6.07
N TYR A 65 15.02 -11.87 -6.32
CA TYR A 65 15.11 -10.70 -7.21
C TYR A 65 15.82 -9.54 -6.48
N ARG A 66 15.69 -9.48 -5.15
CA ARG A 66 16.36 -8.42 -4.36
C ARG A 66 17.89 -8.54 -4.34
N SER A 67 18.38 -9.76 -4.52
CA SER A 67 19.82 -10.01 -4.47
C SER A 67 20.40 -10.40 -5.83
N GLU A 68 19.57 -10.40 -6.88
CA GLU A 68 20.03 -10.79 -8.22
C GLU A 68 21.23 -9.93 -8.67
N GLY A 69 22.36 -10.59 -8.95
CA GLY A 69 23.61 -9.93 -9.32
C GLY A 69 24.56 -9.62 -8.16
N GLU A 70 24.17 -10.02 -6.95
CA GLU A 70 24.71 -9.52 -5.67
C GLU A 70 26.22 -9.54 -5.47
N GLY A 71 26.65 -8.91 -4.36
CA GLY A 71 28.01 -9.07 -3.80
C GLY A 71 29.16 -8.54 -4.64
N GLY A 73 29.04 -5.75 -7.51
CA GLY A 73 27.85 -5.38 -6.75
C GLY A 73 28.18 -5.30 -5.28
N ASP A 74 29.27 -4.56 -4.96
CA ASP A 74 29.86 -4.55 -3.61
C ASP A 74 29.33 -3.48 -2.63
N SER A 75 29.08 -2.26 -3.06
CA SER A 75 28.87 -1.20 -2.05
C SER A 75 27.55 -1.38 -1.31
N ALA A 76 27.35 -0.64 -0.21
CA ALA A 76 26.04 -0.69 0.48
C ALA A 76 25.01 -0.06 -0.43
N ARG A 77 25.43 1.00 -1.12
CA ARG A 77 24.59 1.64 -2.10
C ARG A 77 24.14 0.65 -3.17
N ASP A 78 25.08 -0.13 -3.70
CA ASP A 78 24.77 -1.17 -4.70
C ASP A 78 23.72 -2.15 -4.20
N ARG A 79 23.90 -2.65 -2.97
CA ARG A 79 23.03 -3.69 -2.39
C ARG A 79 21.65 -3.16 -2.06
N LEU A 80 21.60 -1.98 -1.46
CA LEU A 80 20.34 -1.30 -1.20
C LEU A 80 19.55 -0.95 -2.45
N THR A 81 20.23 -0.41 -3.45
CA THR A 81 19.59 -0.05 -4.72
C THR A 81 19.01 -1.29 -5.39
N ARG A 82 19.81 -2.35 -5.49
CA ARG A 82 19.37 -3.58 -6.14
C ARG A 82 18.14 -4.17 -5.43
N SER A 83 18.20 -4.15 -4.09
CA SER A 83 17.11 -4.66 -3.30
C SER A 83 15.80 -3.91 -3.57
N LEU A 84 15.84 -2.57 -3.43
CA LEU A 84 14.64 -1.75 -3.56
C LEU A 84 14.11 -1.74 -4.98
N LEU A 85 14.97 -1.66 -5.97
CA LEU A 85 14.50 -1.63 -7.38
C LEU A 85 14.02 -3.01 -7.85
N GLY A 86 14.62 -4.07 -7.32
CA GLY A 86 14.24 -5.45 -7.67
C GLY A 86 12.74 -5.77 -7.44
N GLU A 87 12.09 -4.99 -6.58
CA GLU A 87 10.65 -5.15 -6.22
C GLU A 87 9.67 -4.71 -7.30
N ILE A 88 10.16 -3.85 -8.17
CA ILE A 88 9.33 -3.24 -9.21
C ILE A 88 9.99 -3.37 -10.56
N GLN A 89 9.53 -4.37 -11.32
CA GLN A 89 10.12 -4.79 -12.61
C GLN A 89 9.03 -5.39 -13.44
N ASP A 90 9.09 -5.15 -14.75
CA ASP A 90 8.16 -5.74 -15.72
C ASP A 90 8.64 -7.15 -16.08
N ARG A 91 8.62 -8.03 -15.08
CA ARG A 91 8.92 -9.46 -15.23
C ARG A 91 7.76 -10.23 -14.60
N PRO A 92 7.30 -11.30 -15.27
CA PRO A 92 6.05 -11.94 -14.85
C PRO A 92 6.02 -12.35 -13.40
N GLU A 93 7.09 -12.98 -12.89
CA GLU A 93 7.14 -13.39 -11.49
C GLU A 93 7.09 -12.22 -10.51
N VAL A 94 7.81 -11.14 -10.83
CA VAL A 94 7.82 -9.96 -9.97
C VAL A 94 6.46 -9.31 -9.93
N VAL A 95 5.76 -9.29 -11.08
CA VAL A 95 4.44 -8.68 -11.13
C VAL A 95 3.51 -9.53 -10.28
N GLU A 96 3.56 -10.83 -10.52
CA GLU A 96 2.71 -11.73 -9.74
C GLU A 96 2.97 -11.63 -8.25
N ASN A 97 4.24 -11.64 -7.83
CA ASN A 97 4.55 -11.54 -6.39
C ASN A 97 3.92 -10.29 -5.82
N SER A 98 4.05 -9.21 -6.60
CA SER A 98 3.55 -7.89 -6.22
C SER A 98 2.01 -7.84 -6.09
N LEU A 99 1.29 -8.42 -7.08
CA LEU A 99 -0.14 -8.56 -7.00
C LEU A 99 -0.59 -9.33 -5.77
N ALA A 100 0.05 -10.48 -5.51
CA ALA A 100 -0.31 -11.37 -4.38
C ALA A 100 -0.05 -10.65 -3.07
N TRP A 101 1.09 -9.95 -2.96
CA TRP A 101 1.39 -9.21 -1.74
C TRP A 101 0.37 -8.09 -1.54
N ASN A 102 0.11 -7.32 -2.59
CA ASN A 102 -0.92 -6.28 -2.58
C ASN A 102 -2.26 -6.78 -2.04
N GLU A 103 -2.69 -7.96 -2.52
CA GLU A 103 -3.92 -8.63 -2.05
C GLU A 103 -3.87 -9.01 -0.58
N LEU A 104 -2.80 -9.65 -0.18
CA LEU A 104 -2.63 -10.04 1.23
C LEU A 104 -2.57 -8.85 2.17
N ARG A 105 -1.82 -7.83 1.76
CA ARG A 105 -1.74 -6.58 2.59
C ARG A 105 -3.14 -5.93 2.77
N ALA A 106 -3.91 -5.82 1.68
CA ALA A 106 -5.26 -5.26 1.72
C ALA A 106 -6.22 -6.12 2.53
N SER A 107 -6.09 -7.44 2.42
CA SER A 107 -7.03 -8.35 3.09
C SER A 107 -6.81 -8.43 4.58
N ALA A 108 -5.57 -8.30 5.03
CA ALA A 108 -5.24 -8.45 6.45
C ALA A 108 -5.88 -7.34 7.30
N VAL A 109 -6.37 -6.29 6.65
CA VAL A 109 -7.07 -5.18 7.33
C VAL A 109 -8.34 -5.72 7.94
N TYR A 110 -9.06 -6.49 7.17
CA TYR A 110 -10.32 -7.00 7.67
C TYR A 110 -10.31 -8.52 7.95
N GLU A 111 -9.26 -9.23 7.56
CA GLU A 111 -9.09 -10.63 8.02
C GLU A 111 -8.00 -10.73 9.06
N GLU A 112 -8.37 -10.71 10.34
CA GLU A 112 -7.38 -10.55 11.42
C GLU A 112 -6.35 -11.70 11.53
N ALA A 113 -6.73 -12.91 11.13
CA ALA A 113 -5.82 -14.06 11.20
C ALA A 113 -4.57 -13.92 10.32
N LEU A 114 -4.71 -13.16 9.23
CA LEU A 114 -3.64 -12.91 8.27
C LEU A 114 -2.56 -11.98 8.84
N ARG A 115 -2.93 -11.25 9.88
CA ARG A 115 -2.08 -10.13 10.37
C ARG A 115 -0.78 -10.60 10.93
N ASP A 116 -0.82 -11.63 11.79
CA ASP A 116 0.43 -12.12 12.43
C ASP A 116 1.43 -12.71 11.40
N PRO A 117 0.98 -13.62 10.53
CA PRO A 117 1.94 -14.06 9.49
C PRO A 117 2.48 -12.91 8.61
N LEU A 118 1.59 -12.03 8.14
CA LEU A 118 2.04 -10.92 7.29
C LEU A 118 3.06 -10.04 8.02
N ALA A 119 2.81 -9.77 9.29
CA ALA A 119 3.74 -8.97 10.13
C ALA A 119 5.10 -9.65 10.22
N ARG A 120 5.08 -10.98 10.33
CA ARG A 120 6.34 -11.72 10.50
C ARG A 120 7.07 -11.70 9.20
N THR A 121 6.36 -11.91 8.08
CA THR A 121 7.04 -11.91 6.77
C THR A 121 7.54 -10.51 6.44
N THR A 122 6.73 -9.48 6.72
CA THR A 122 7.15 -8.09 6.44
C THR A 122 8.39 -7.77 7.30
N ALA A 123 8.40 -8.26 8.55
CA ALA A 123 9.54 -8.01 9.45
C ALA A 123 10.83 -8.60 8.91
N ALA A 124 10.75 -9.77 8.26
CA ALA A 124 11.90 -10.39 7.63
C ALA A 124 12.44 -9.54 6.45
N TRP A 125 11.54 -9.00 5.63
CA TRP A 125 11.94 -8.11 4.54
C TRP A 125 12.59 -6.84 5.11
N VAL A 126 11.90 -6.23 6.05
CA VAL A 126 12.44 -5.03 6.73
C VAL A 126 13.87 -5.26 7.30
N SER A 127 14.08 -6.42 7.89
CA SER A 127 15.36 -6.78 8.51
C SER A 127 16.51 -6.85 7.52
N GLU A 128 16.25 -7.29 6.28
CA GLU A 128 17.33 -7.31 5.27
C GLU A 128 17.78 -5.91 5.01
N ILE A 129 16.80 -4.99 4.92
CA ILE A 129 17.11 -3.59 4.67
C ILE A 129 17.76 -2.92 5.88
N ALA A 130 17.19 -3.12 7.08
CA ALA A 130 17.82 -2.61 8.31
C ALA A 130 19.26 -3.09 8.44
N ASP A 131 19.49 -4.39 8.24
CA ASP A 131 20.85 -4.90 8.41
C ASP A 131 21.82 -4.22 7.45
N ALA A 132 21.38 -4.04 6.20
CA ALA A 132 22.20 -3.35 5.21
C ALA A 132 22.61 -1.98 5.71
N ILE A 133 21.63 -1.23 6.23
CA ILE A 133 21.87 0.14 6.76
C ILE A 133 22.84 0.12 7.98
N VAL A 134 22.60 -0.78 8.93
CA VAL A 134 23.53 -0.89 10.10
C VAL A 134 24.96 -1.20 9.67
N GLN A 135 25.09 -2.14 8.71
CA GLN A 135 26.43 -2.56 8.24
C GLN A 135 27.11 -1.33 7.64
N ALA A 136 26.35 -0.59 6.86
CA ALA A 136 26.87 0.61 6.17
C ALA A 136 27.17 1.76 7.15
N GLN A 137 26.47 1.82 8.27
CA GLN A 137 26.83 2.87 9.23
C GLN A 137 28.16 2.54 9.91
N ALA A 138 28.46 1.26 10.07
CA ALA A 138 29.76 0.84 10.65
C ALA A 138 30.94 1.21 9.70
N THR A 139 30.77 1.00 8.40
CA THR A 139 31.76 1.42 7.41
C THR A 139 31.74 2.93 7.15
N GLY A 140 30.63 3.60 7.48
CA GLY A 140 30.45 5.02 7.19
C GLY A 140 29.92 5.37 5.80
N GLU A 141 29.37 4.39 5.09
CA GLU A 141 28.71 4.67 3.79
C GLU A 141 27.37 5.42 3.93
N ILE A 142 26.82 5.41 5.14
CA ILE A 142 25.55 6.07 5.40
C ILE A 142 25.67 6.95 6.64
N SER A 143 24.97 8.08 6.63
CA SER A 143 24.81 8.92 7.82
C SER A 143 24.49 8.06 9.03
N ARG A 144 25.29 8.24 10.08
CA ARG A 144 25.04 7.58 11.34
C ARG A 144 23.82 8.22 12.01
N SER A 145 23.24 9.22 11.37
CA SER A 145 22.06 9.91 11.85
C SER A 145 20.80 9.03 11.70
N LEU A 146 20.72 8.27 10.62
CA LEU A 146 19.56 7.40 10.41
C LEU A 146 19.40 6.34 11.49
N ASP A 147 18.18 6.19 11.99
CA ASP A 147 17.82 5.06 12.82
C ASP A 147 17.45 3.94 11.82
N PRO A 148 18.26 2.85 11.83
CA PRO A 148 18.14 1.71 10.91
C PRO A 148 16.74 1.15 10.78
N GLN A 149 16.12 0.81 11.90
CA GLN A 149 14.82 0.15 11.89
C GLN A 149 13.74 1.05 11.25
N PRO A 150 13.53 2.26 11.76
CA PRO A 150 12.56 3.17 11.10
C PRO A 150 12.80 3.44 9.64
N THR A 151 14.05 3.62 9.25
CA THR A 151 14.43 3.84 7.85
C THR A 151 14.02 2.65 6.96
N ALA A 152 14.27 1.44 7.46
CA ALA A 152 13.97 0.21 6.71
C ALA A 152 12.49 0.05 6.64
N VAL A 153 11.79 0.36 7.73
CA VAL A 153 10.32 0.34 7.73
C VAL A 153 9.80 1.30 6.66
N THR A 154 10.35 2.51 6.68
CA THR A 154 9.95 3.55 5.76
C THR A 154 10.23 3.21 4.28
N THR A 156 10.71 0.23 2.89
CA THR A 156 9.88 -0.89 2.42
C THR A 156 8.42 -0.47 2.31
N ALA A 157 7.96 0.38 3.23
CA ALA A 157 6.60 0.94 3.12
C ALA A 157 6.43 1.76 1.82
N LEU A 158 7.45 2.53 1.48
CA LEU A 158 7.50 3.26 0.18
C LEU A 158 7.38 2.32 -1.03
N VAL A 159 8.11 1.22 -1.00
CA VAL A 159 7.94 0.20 -2.08
C VAL A 159 6.48 -0.30 -2.17
N GLU A 160 5.85 -0.60 -1.03
CA GLU A 160 4.47 -1.07 -1.05
C GLU A 160 3.50 0.00 -1.58
N GLY A 161 3.67 1.23 -1.15
CA GLY A 161 2.81 2.33 -1.65
C GLY A 161 3.00 2.57 -3.14
N LEU A 162 4.25 2.60 -3.60
CA LEU A 162 4.49 2.75 -5.04
C LEU A 162 3.91 1.58 -5.80
N SER A 163 4.13 0.36 -5.28
CA SER A 163 3.61 -0.86 -5.95
C SER A 163 2.09 -0.85 -6.07
N GLY A 164 1.41 -0.33 -5.05
CA GLY A 164 -0.06 -0.25 -5.09
C GLY A 164 -0.51 0.62 -6.27
N ARG A 165 0.17 1.75 -6.50
CA ARG A 165 -0.16 2.63 -7.63
C ARG A 165 0.24 2.02 -8.97
N TRP A 166 1.37 1.32 -8.94
CA TRP A 166 1.93 0.69 -10.13
C TRP A 166 0.96 -0.37 -10.67
N LEU A 167 0.43 -1.18 -9.76
CA LEU A 167 -0.53 -2.21 -10.12
C LEU A 167 -1.90 -1.73 -10.61
N CYS A 168 -2.28 -0.49 -10.28
CA CYS A 168 -3.46 0.22 -10.83
C CYS A 168 -3.16 0.95 -12.14
N LYS A 169 -1.95 0.77 -12.67
CA LYS A 169 -1.41 1.52 -13.81
C LYS A 169 -1.41 3.03 -13.63
N GLU A 170 -1.35 3.48 -12.38
CA GLU A 170 -1.37 4.92 -12.06
C GLU A 170 0.02 5.57 -12.19
N ILE A 171 1.05 4.75 -12.06
CA ILE A 171 2.41 5.18 -12.24
C ILE A 171 3.10 4.10 -13.10
N SER A 172 3.98 4.52 -14.00
CA SER A 172 4.70 3.59 -14.88
C SER A 172 5.79 2.88 -14.09
N THR A 173 6.24 1.75 -14.63
CA THR A 173 7.35 1.02 -14.07
C THR A 173 8.61 1.94 -13.96
N GLU A 174 8.95 2.60 -15.07
CA GLU A 174 10.18 3.42 -15.11
C GLU A 174 10.07 4.61 -14.15
N ASP A 175 8.86 5.17 -13.97
CA ASP A 175 8.70 6.26 -12.99
C ASP A 175 8.93 5.74 -11.58
N ALA A 176 8.27 4.64 -11.26
CA ALA A 176 8.40 4.02 -9.92
C ALA A 176 9.86 3.67 -9.55
N ARG A 177 10.61 3.10 -10.52
CA ARG A 177 12.04 2.81 -10.31
C ARG A 177 12.87 4.06 -10.10
N SER A 178 12.59 5.09 -10.90
CA SER A 178 13.34 6.34 -10.82
C SER A 178 13.07 6.93 -9.46
N HIS A 179 11.81 6.84 -8.97
CA HIS A 179 11.52 7.53 -7.65
C HIS A 179 12.23 6.81 -6.49
N LEU A 180 12.29 5.49 -6.58
CA LEU A 180 13.03 4.71 -5.58
C LEU A 180 14.49 5.06 -5.59
N LEU A 181 15.05 5.26 -6.79
CA LEU A 181 16.45 5.70 -6.86
C LEU A 181 16.64 7.03 -6.21
N GLY A 182 15.72 7.96 -6.45
CA GLY A 182 15.88 9.34 -5.88
C GLY A 182 15.76 9.26 -4.35
N ALA A 183 14.82 8.46 -3.85
CA ALA A 183 14.71 8.23 -2.39
C ALA A 183 16.01 7.72 -1.73
N ILE A 184 16.62 6.70 -2.34
CA ILE A 184 17.95 6.19 -1.94
C ILE A 184 19.01 7.23 -1.99
N ASP A 185 19.04 8.02 -3.06
CA ASP A 185 19.99 9.13 -3.14
C ASP A 185 19.81 10.03 -1.91
N VAL A 186 18.58 10.40 -1.61
CA VAL A 186 18.32 11.38 -0.54
C VAL A 186 18.76 10.79 0.80
N VAL A 187 18.41 9.53 1.03
CA VAL A 187 18.93 8.75 2.16
C VAL A 187 20.47 8.54 2.15
N SER A 189 22.68 10.72 0.97
CA SER A 189 23.33 12.04 1.09
C SER A 189 23.81 12.33 2.51
N SER B 2 -28.85 15.77 -1.49
CA SER B 2 -29.75 15.33 -0.36
C SER B 2 -28.95 14.63 0.75
N GLU B 3 -29.47 14.74 1.97
CA GLU B 3 -28.85 14.07 3.11
C GLU B 3 -28.97 12.54 3.04
N ARG B 4 -29.90 12.05 2.24
CA ARG B 4 -29.99 10.60 2.03
C ARG B 4 -28.84 10.08 1.20
N ARG B 5 -28.45 10.84 0.16
CA ARG B 5 -27.32 10.49 -0.69
C ARG B 5 -26.05 10.33 0.17
N ASP B 6 -25.79 11.35 0.98
CA ASP B 6 -24.65 11.38 1.94
C ASP B 6 -24.73 10.16 2.88
N ALA B 7 -25.93 9.88 3.39
CA ALA B 7 -26.10 8.79 4.34
C ALA B 7 -25.84 7.46 3.63
N ILE B 8 -26.44 7.28 2.44
CA ILE B 8 -26.09 6.12 1.58
C ILE B 8 -24.56 5.96 1.37
N LEU B 9 -23.95 7.05 0.98
CA LEU B 9 -22.49 7.03 0.74
C LEU B 9 -21.68 6.70 1.99
N LYS B 10 -22.08 7.25 3.12
CA LYS B 10 -21.37 6.91 4.37
C LYS B 10 -21.49 5.44 4.70
N ALA B 11 -22.71 4.88 4.62
CA ALA B 11 -22.92 3.45 4.82
C ALA B 11 -22.13 2.53 3.81
N SER B 12 -22.12 2.95 2.56
CA SER B 12 -21.37 2.26 1.47
C SER B 12 -19.86 2.18 1.82
N ALA B 13 -19.32 3.30 2.30
CA ALA B 13 -17.93 3.33 2.75
C ALA B 13 -17.74 2.38 3.91
N THR B 14 -18.71 2.27 4.83
CA THR B 14 -18.53 1.26 5.91
C THR B 14 -18.58 -0.18 5.32
N ALA B 15 -19.50 -0.44 4.40
CA ALA B 15 -19.56 -1.80 3.72
C ALA B 15 -18.24 -2.10 3.04
N ILE B 16 -17.71 -1.08 2.36
CA ILE B 16 -16.46 -1.24 1.66
C ILE B 16 -15.36 -1.58 2.67
N ALA B 17 -15.31 -0.81 3.75
CA ALA B 17 -14.23 -0.89 4.73
C ALA B 17 -14.07 -2.26 5.41
N GLN B 18 -15.19 -2.94 5.58
CA GLN B 18 -15.33 -4.12 6.42
C GLN B 18 -15.37 -5.45 5.63
N ARG B 19 -15.84 -5.37 4.40
CA ARG B 19 -16.18 -6.52 3.56
C ARG B 19 -15.21 -6.57 2.42
N GLY B 20 -14.68 -5.41 2.06
CA GLY B 20 -13.84 -5.35 0.88
C GLY B 20 -14.73 -5.25 -0.34
N ILE B 21 -14.13 -4.85 -1.44
CA ILE B 21 -14.87 -4.54 -2.66
C ILE B 21 -15.14 -5.77 -3.48
N ARG B 22 -14.21 -6.71 -3.48
CA ARG B 22 -14.41 -7.89 -4.29
C ARG B 22 -15.67 -8.69 -3.84
N GLY B 23 -16.53 -9.02 -4.79
CA GLY B 23 -17.83 -9.64 -4.45
C GLY B 23 -18.81 -8.79 -3.61
N LEU B 24 -18.51 -7.49 -3.46
CA LEU B 24 -19.51 -6.60 -2.90
C LEU B 24 -20.55 -6.29 -3.93
N ARG B 25 -21.83 -6.47 -3.60
CA ARG B 25 -22.87 -6.15 -4.57
C ARG B 25 -23.81 -5.07 -4.11
N VAL B 26 -24.51 -4.47 -5.08
CA VAL B 26 -25.41 -3.36 -4.81
C VAL B 26 -26.41 -3.77 -3.74
N ASN B 27 -26.92 -5.00 -3.79
CA ASN B 27 -27.97 -5.40 -2.82
C ASN B 27 -27.41 -5.43 -1.41
N ASP B 28 -26.13 -5.81 -1.28
CA ASP B 28 -25.39 -5.79 0.00
C ASP B 28 -25.31 -4.37 0.50
N VAL B 29 -24.92 -3.48 -0.40
CA VAL B 29 -24.79 -2.06 -0.04
C VAL B 29 -26.17 -1.53 0.36
N ALA B 30 -27.18 -1.85 -0.44
CA ALA B 30 -28.56 -1.39 -0.23
C ALA B 30 -28.99 -1.77 1.18
N GLU B 31 -28.61 -2.97 1.60
CA GLU B 31 -29.00 -3.46 2.90
C GLU B 31 -28.36 -2.60 4.03
N VAL B 32 -27.08 -2.25 3.91
CA VAL B 32 -26.40 -1.43 4.90
C VAL B 32 -26.90 0.04 4.85
N ALA B 33 -27.29 0.52 3.66
CA ALA B 33 -27.69 1.90 3.45
C ALA B 33 -29.13 2.15 3.89
N GLY B 34 -29.89 1.08 4.07
CA GLY B 34 -31.27 1.16 4.53
C GLY B 34 -32.22 1.60 3.43
N VAL B 35 -31.79 1.47 2.18
CA VAL B 35 -32.67 1.73 0.99
C VAL B 35 -32.79 0.47 0.08
N SER B 36 -33.74 0.46 -0.84
CA SER B 36 -33.84 -0.66 -1.76
C SER B 36 -32.75 -0.56 -2.85
N PRO B 37 -32.45 -1.70 -3.54
CA PRO B 37 -31.54 -1.59 -4.68
C PRO B 37 -32.10 -0.64 -5.75
N GLY B 38 -33.42 -0.61 -5.97
CA GLY B 38 -34.02 0.33 -6.95
C GLY B 38 -33.71 1.80 -6.66
N LEU B 39 -33.84 2.21 -5.38
CA LEU B 39 -33.51 3.60 -4.96
C LEU B 39 -32.03 3.87 -5.15
N LEU B 40 -31.22 2.87 -4.79
CA LEU B 40 -29.80 3.00 -4.93
C LEU B 40 -29.44 3.19 -6.40
N TYR B 41 -29.97 2.38 -7.32
CA TYR B 41 -29.73 2.63 -8.74
C TYR B 41 -30.33 3.95 -9.22
N TYR B 42 -31.43 4.36 -8.60
CA TYR B 42 -31.96 5.66 -8.92
C TYR B 42 -30.92 6.76 -8.64
N HIS B 43 -30.27 6.75 -7.46
CA HIS B 43 -29.24 7.74 -7.11
C HIS B 43 -27.95 7.56 -7.96
N PHE B 44 -27.52 6.31 -8.21
CA PHE B 44 -26.14 6.07 -8.72
C PHE B 44 -25.99 5.30 -10.02
N LYS B 45 -27.12 4.89 -10.61
CA LYS B 45 -27.20 4.25 -11.95
C LYS B 45 -26.79 2.78 -11.92
N ASP B 46 -25.58 2.49 -11.47
CA ASP B 46 -25.10 1.10 -11.47
C ASP B 46 -24.04 0.90 -10.42
N ARG B 47 -23.52 -0.32 -10.31
CA ARG B 47 -22.53 -0.61 -9.27
C ARG B 47 -21.29 0.27 -9.35
N ILE B 48 -20.77 0.50 -10.55
CA ILE B 48 -19.58 1.38 -10.68
C ILE B 48 -19.91 2.82 -10.32
N GLY B 49 -21.10 3.30 -10.70
CA GLY B 49 -21.54 4.63 -10.35
C GLY B 49 -21.57 4.78 -8.84
N LEU B 50 -22.06 3.76 -8.16
CA LEU B 50 -22.04 3.72 -6.69
C LEU B 50 -20.63 3.76 -6.09
N LEU B 51 -19.72 2.94 -6.62
CA LEU B 51 -18.37 2.90 -6.08
C LEU B 51 -17.66 4.22 -6.34
N GLU B 52 -17.89 4.79 -7.52
CA GLU B 52 -17.30 6.06 -7.85
C GLU B 52 -17.86 7.20 -7.01
N ALA B 53 -19.17 7.21 -6.75
CA ALA B 53 -19.73 8.18 -5.80
C ALA B 53 -19.13 8.01 -4.37
N ALA B 54 -18.93 6.78 -3.94
CA ALA B 54 -18.35 6.53 -2.64
C ALA B 54 -16.86 6.94 -2.59
N LEU B 55 -16.13 6.66 -3.66
CA LEU B 55 -14.76 7.13 -3.76
C LEU B 55 -14.69 8.67 -3.69
N ASN B 56 -15.59 9.39 -4.36
CA ASN B 56 -15.60 10.86 -4.30
C ASN B 56 -15.94 11.40 -2.92
N TYR B 57 -16.90 10.75 -2.27
CA TYR B 57 -17.31 11.09 -0.92
C TYR B 57 -16.14 10.95 0.07
N ILE B 58 -15.44 9.81 0.01
CA ILE B 58 -14.30 9.50 0.89
C ILE B 58 -13.12 10.46 0.62
N ASN B 59 -12.88 10.74 -0.67
CA ASN B 59 -11.85 11.74 -1.09
C ASN B 59 -12.13 13.11 -0.44
N ASP B 60 -13.40 13.53 -0.45
CA ASP B 60 -13.79 14.85 0.10
C ASP B 60 -13.53 14.95 1.60
N ARG B 61 -13.80 13.88 2.33
CA ARG B 61 -13.54 13.82 3.78
C ARG B 61 -12.05 13.83 4.03
N ALA B 62 -11.30 13.13 3.19
CA ALA B 62 -9.84 13.07 3.29
C ALA B 62 -9.21 14.42 3.08
N ARG B 63 -9.72 15.14 2.08
CA ARG B 63 -9.26 16.46 1.76
C ARG B 63 -9.47 17.39 2.98
N ALA B 64 -10.63 17.27 3.61
CA ALA B 64 -10.90 17.99 4.88
C ALA B 64 -9.86 17.69 5.98
N TYR B 65 -9.62 16.40 6.24
CA TYR B 65 -8.64 15.95 7.25
C TYR B 65 -7.24 16.49 6.96
N ARG B 66 -6.86 16.56 5.70
CA ARG B 66 -5.55 17.07 5.32
C ARG B 66 -5.48 18.59 5.37
N SER B 67 -6.63 19.24 5.48
CA SER B 67 -6.63 20.71 5.40
C SER B 67 -7.06 21.37 6.71
N GLU B 68 -7.43 20.55 7.68
CA GLU B 68 -7.73 20.94 9.05
C GLU B 68 -6.62 21.79 9.60
N GLY B 69 -6.96 23.04 9.92
CA GLY B 69 -6.01 23.94 10.56
C GLY B 69 -5.13 24.69 9.59
N GLU B 70 -5.50 24.69 8.30
CA GLU B 70 -4.94 25.57 7.29
C GLU B 70 -4.87 27.00 7.84
N GLY B 71 -3.89 27.78 7.37
CA GLY B 71 -3.68 29.17 7.83
C GLY B 71 -2.98 30.00 6.76
N SER B 72 -3.22 31.31 6.77
CA SER B 72 -2.68 32.19 5.73
C SER B 72 -1.15 32.20 5.75
N GLY B 73 -0.55 31.85 4.61
CA GLY B 73 0.91 31.84 4.47
C GLY B 73 1.56 30.90 5.47
N ASP B 74 1.13 29.63 5.44
CA ASP B 74 1.69 28.59 6.31
C ASP B 74 3.01 28.15 5.72
N SER B 75 3.97 27.78 6.55
CA SER B 75 5.25 27.30 6.06
C SER B 75 5.11 26.07 5.16
N ALA B 76 6.17 25.77 4.40
CA ALA B 76 6.27 24.50 3.68
C ALA B 76 6.13 23.33 4.64
N ARG B 77 6.88 23.37 5.75
CA ARG B 77 6.82 22.31 6.78
C ARG B 77 5.40 22.04 7.21
N ASP B 78 4.68 23.13 7.48
CA ASP B 78 3.30 23.10 7.95
C ASP B 78 2.43 22.45 6.89
N ARG B 79 2.60 22.86 5.63
CA ARG B 79 1.81 22.28 4.53
C ARG B 79 2.11 20.83 4.35
N LEU B 80 3.40 20.44 4.34
CA LEU B 80 3.76 19.01 4.15
C LEU B 80 3.21 18.16 5.29
N THR B 81 3.34 18.69 6.49
CA THR B 81 2.93 17.94 7.67
C THR B 81 1.41 17.68 7.68
N ARG B 82 0.60 18.69 7.39
CA ARG B 82 -0.86 18.51 7.42
C ARG B 82 -1.32 17.53 6.38
N SER B 83 -0.74 17.63 5.20
CA SER B 83 -1.16 16.81 4.08
C SER B 83 -0.67 15.34 4.18
N LEU B 84 0.53 15.15 4.74
CA LEU B 84 1.09 13.81 4.89
C LEU B 84 0.57 13.04 6.12
N LEU B 85 0.26 13.77 7.19
CA LEU B 85 -0.12 13.14 8.45
C LEU B 85 -1.62 13.13 8.64
N GLY B 86 -2.35 13.98 7.93
CA GLY B 86 -3.78 14.25 8.16
C GLY B 86 -4.66 13.03 8.20
N GLU B 87 -4.28 12.02 7.44
CA GLU B 87 -5.14 10.82 7.28
C GLU B 87 -4.76 9.63 8.18
N ILE B 88 -3.82 9.86 9.09
CA ILE B 88 -3.39 8.84 10.01
C ILE B 88 -3.54 9.46 11.41
N GLN B 89 -4.71 9.26 11.99
CA GLN B 89 -5.06 9.77 13.31
C GLN B 89 -5.94 8.74 13.98
N ASP B 90 -5.92 8.70 15.30
CA ASP B 90 -6.77 7.79 16.07
C ASP B 90 -8.26 8.15 16.11
N ARG B 91 -8.61 9.35 15.66
N ARG B 91 -8.60 9.35 15.63
CA ARG B 91 -10.01 9.76 15.63
CA ARG B 91 -9.99 9.78 15.52
C ARG B 91 -10.76 8.73 14.77
C ARG B 91 -10.75 8.71 14.73
N PRO B 92 -11.84 8.15 15.32
CA PRO B 92 -12.61 7.08 14.67
C PRO B 92 -13.10 7.38 13.24
N GLU B 93 -13.50 8.60 12.94
CA GLU B 93 -14.03 8.78 11.57
C GLU B 93 -12.88 8.97 10.56
N VAL B 94 -11.69 9.36 11.05
CA VAL B 94 -10.44 9.32 10.23
C VAL B 94 -10.07 7.88 9.87
N VAL B 95 -10.03 7.00 10.88
CA VAL B 95 -9.75 5.59 10.67
C VAL B 95 -10.77 4.97 9.71
N GLU B 96 -12.06 5.19 9.94
CA GLU B 96 -13.09 4.62 9.05
C GLU B 96 -12.86 5.12 7.62
N ASN B 97 -12.62 6.42 7.49
CA ASN B 97 -12.39 6.97 6.13
C ASN B 97 -11.19 6.36 5.42
N SER B 98 -10.07 6.26 6.13
CA SER B 98 -8.84 5.68 5.59
C SER B 98 -8.93 4.17 5.32
N LEU B 99 -9.69 3.46 6.14
CA LEU B 99 -9.94 2.02 5.81
C LEU B 99 -10.60 1.86 4.45
N ALA B 100 -11.63 2.67 4.19
CA ALA B 100 -12.35 2.55 2.91
C ALA B 100 -11.48 2.99 1.76
N TRP B 101 -10.73 4.08 1.91
CA TRP B 101 -9.80 4.51 0.86
C TRP B 101 -8.77 3.42 0.59
N ASN B 102 -8.21 2.85 1.66
CA ASN B 102 -7.23 1.75 1.51
C ASN B 102 -7.81 0.61 0.65
N GLU B 103 -9.05 0.24 0.93
CA GLU B 103 -9.67 -0.83 0.10
C GLU B 103 -9.94 -0.39 -1.35
N LEU B 104 -10.39 0.83 -1.58
CA LEU B 104 -10.59 1.32 -2.92
C LEU B 104 -9.29 1.30 -3.69
N ARG B 105 -8.21 1.75 -3.08
CA ARG B 105 -6.87 1.64 -3.72
C ARG B 105 -6.48 0.22 -4.09
N ALA B 106 -6.67 -0.72 -3.16
CA ALA B 106 -6.48 -2.11 -3.44
C ALA B 106 -7.38 -2.63 -4.60
N SER B 107 -8.65 -2.18 -4.63
CA SER B 107 -9.64 -2.77 -5.58
C SER B 107 -9.39 -2.38 -7.04
N ALA B 108 -8.79 -1.19 -7.22
CA ALA B 108 -8.60 -0.60 -8.55
C ALA B 108 -7.62 -1.41 -9.39
N VAL B 109 -6.84 -2.27 -8.74
CA VAL B 109 -6.04 -3.23 -9.48
C VAL B 109 -6.96 -4.05 -10.41
N TYR B 110 -8.09 -4.54 -9.91
CA TYR B 110 -9.02 -5.34 -10.71
C TYR B 110 -10.30 -4.62 -11.12
N GLU B 111 -10.68 -3.54 -10.43
CA GLU B 111 -11.86 -2.76 -10.83
C GLU B 111 -11.39 -1.63 -11.68
N GLU B 112 -11.21 -1.88 -12.97
CA GLU B 112 -10.51 -0.90 -13.76
C GLU B 112 -11.22 0.45 -13.85
N ALA B 113 -12.54 0.46 -13.73
CA ALA B 113 -13.29 1.69 -13.87
C ALA B 113 -13.05 2.65 -12.70
N LEU B 114 -12.47 2.15 -11.62
CA LEU B 114 -12.14 3.01 -10.47
C LEU B 114 -10.75 3.70 -10.61
N ARG B 115 -9.99 3.31 -11.62
CA ARG B 115 -8.61 3.81 -11.76
C ARG B 115 -8.60 5.30 -12.08
N ASP B 116 -9.43 5.75 -13.04
CA ASP B 116 -9.43 7.20 -13.40
C ASP B 116 -9.78 8.12 -12.19
N PRO B 117 -10.91 7.86 -11.50
CA PRO B 117 -11.21 8.76 -10.35
C PRO B 117 -10.14 8.71 -9.25
N LEU B 118 -9.58 7.52 -9.04
CA LEU B 118 -8.47 7.37 -8.08
C LEU B 118 -7.22 8.13 -8.49
N ALA B 119 -6.88 8.08 -9.77
CA ALA B 119 -5.71 8.79 -10.31
C ALA B 119 -5.92 10.32 -10.14
N ARG B 120 -7.10 10.82 -10.52
CA ARG B 120 -7.36 12.26 -10.47
C ARG B 120 -7.38 12.80 -9.03
N THR B 121 -8.05 12.11 -8.14
CA THR B 121 -8.07 12.56 -6.75
C THR B 121 -6.68 12.37 -6.16
N THR B 122 -5.96 11.31 -6.49
CA THR B 122 -4.59 11.19 -5.97
C THR B 122 -3.71 12.32 -6.56
N ALA B 123 -3.94 12.68 -7.83
CA ALA B 123 -3.14 13.75 -8.47
C ALA B 123 -3.28 15.06 -7.70
N ALA B 124 -4.48 15.29 -7.17
CA ALA B 124 -4.80 16.50 -6.41
C ALA B 124 -4.09 16.54 -5.05
N TRP B 125 -3.97 15.38 -4.39
CA TRP B 125 -3.16 15.25 -3.18
C TRP B 125 -1.70 15.48 -3.53
N VAL B 126 -1.21 14.85 -4.59
CA VAL B 126 0.23 15.02 -4.97
C VAL B 126 0.47 16.52 -5.23
N SER B 127 -0.47 17.14 -5.91
CA SER B 127 -0.29 18.55 -6.34
C SER B 127 -0.13 19.51 -5.14
N GLU B 128 -0.84 19.20 -4.05
CA GLU B 128 -0.67 20.02 -2.82
C GLU B 128 0.77 20.02 -2.29
N ILE B 129 1.35 18.83 -2.24
CA ILE B 129 2.70 18.66 -1.82
C ILE B 129 3.66 19.27 -2.81
N ALA B 130 3.43 19.02 -4.12
CA ALA B 130 4.37 19.52 -5.13
C ALA B 130 4.43 21.05 -5.12
N ASP B 131 3.25 21.65 -4.99
CA ASP B 131 3.18 23.13 -4.89
C ASP B 131 3.91 23.66 -3.65
N ALA B 132 3.66 23.08 -2.49
CA ALA B 132 4.44 23.48 -1.29
C ALA B 132 5.96 23.46 -1.54
N ILE B 133 6.45 22.39 -2.16
CA ILE B 133 7.89 22.30 -2.53
C ILE B 133 8.40 23.42 -3.48
N VAL B 134 7.68 23.62 -4.59
CA VAL B 134 8.05 24.67 -5.56
C VAL B 134 8.10 26.02 -4.88
N GLN B 135 7.09 26.35 -4.06
CA GLN B 135 7.13 27.67 -3.41
C GLN B 135 8.39 27.80 -2.56
N ALA B 136 8.70 26.76 -1.79
CA ALA B 136 9.87 26.77 -0.88
C ALA B 136 11.21 26.82 -1.67
N GLN B 137 11.25 26.12 -2.80
CA GLN B 137 12.46 26.16 -3.61
C GLN B 137 12.70 27.55 -4.13
N ALA B 138 11.65 28.34 -4.40
CA ALA B 138 11.89 29.68 -4.93
C ALA B 138 12.64 30.52 -3.85
N THR B 139 12.25 30.31 -2.61
CA THR B 139 12.85 31.04 -1.46
C THR B 139 14.18 30.43 -0.98
N GLY B 140 14.45 29.17 -1.31
CA GLY B 140 15.68 28.52 -0.80
C GLY B 140 15.44 27.64 0.42
N GLU B 141 14.24 27.76 1.00
CA GLU B 141 13.85 27.04 2.21
C GLU B 141 13.87 25.49 2.06
N ILE B 142 13.81 25.00 0.82
CA ILE B 142 13.89 23.57 0.56
C ILE B 142 14.94 23.40 -0.52
N SER B 143 15.73 22.32 -0.41
CA SER B 143 16.78 22.05 -1.40
C SER B 143 16.28 22.18 -2.86
N ARG B 144 17.04 22.94 -3.63
CA ARG B 144 16.69 23.21 -4.99
C ARG B 144 16.96 22.03 -5.93
N SER B 145 17.71 21.03 -5.46
CA SER B 145 18.00 19.82 -6.25
C SER B 145 16.89 18.75 -6.28
N LEU B 146 15.96 18.83 -5.32
CA LEU B 146 14.72 18.05 -5.35
C LEU B 146 13.86 18.34 -6.58
N ASP B 147 13.38 17.29 -7.23
CA ASP B 147 12.43 17.43 -8.35
C ASP B 147 11.03 17.34 -7.72
N PRO B 148 10.27 18.45 -7.75
CA PRO B 148 9.08 18.59 -6.88
C PRO B 148 8.01 17.52 -7.08
N GLN B 149 7.68 17.24 -8.33
CA GLN B 149 6.62 16.30 -8.65
C GLN B 149 6.99 14.87 -8.24
N PRO B 150 8.17 14.38 -8.68
CA PRO B 150 8.67 13.11 -8.16
C PRO B 150 8.74 13.06 -6.64
N THR B 151 9.13 14.15 -5.98
CA THR B 151 9.26 14.13 -4.52
C THR B 151 7.85 13.98 -3.94
N ALA B 152 6.91 14.72 -4.49
CA ALA B 152 5.55 14.71 -3.98
C ALA B 152 4.90 13.34 -4.25
N VAL B 153 5.23 12.72 -5.37
CA VAL B 153 4.58 11.42 -5.74
C VAL B 153 5.11 10.39 -4.72
N THR B 154 6.41 10.52 -4.40
CA THR B 154 7.13 9.58 -3.49
C THR B 154 6.64 9.76 -2.06
N THR B 156 3.79 10.96 -0.96
CA THR B 156 2.43 10.49 -0.77
C THR B 156 2.34 8.96 -0.90
N ALA B 157 3.16 8.36 -1.74
CA ALA B 157 3.10 6.89 -1.87
C ALA B 157 3.58 6.26 -0.58
N LEU B 158 4.54 6.91 0.08
CA LEU B 158 4.99 6.44 1.40
C LEU B 158 3.84 6.45 2.37
N VAL B 159 3.07 7.56 2.40
CA VAL B 159 1.85 7.64 3.26
C VAL B 159 0.95 6.46 2.98
N GLU B 160 0.65 6.20 1.68
CA GLU B 160 -0.21 5.02 1.35
C GLU B 160 0.36 3.70 1.90
N GLY B 161 1.66 3.48 1.71
CA GLY B 161 2.31 2.26 2.25
C GLY B 161 2.26 2.13 3.77
N LEU B 162 2.61 3.20 4.47
CA LEU B 162 2.56 3.18 5.93
C LEU B 162 1.14 3.06 6.39
N SER B 163 0.23 3.80 5.76
CA SER B 163 -1.17 3.65 6.14
C SER B 163 -1.68 2.20 5.97
N GLY B 164 -1.25 1.49 4.93
CA GLY B 164 -1.72 0.10 4.79
C GLY B 164 -1.25 -0.76 5.96
N ARG B 165 -0.01 -0.55 6.45
CA ARG B 165 0.47 -1.24 7.63
C ARG B 165 -0.22 -0.86 8.93
N TRP B 166 -0.50 0.43 9.06
CA TRP B 166 -1.22 1.01 10.20
C TRP B 166 -2.61 0.37 10.33
N LEU B 167 -3.29 0.26 9.20
CA LEU B 167 -4.62 -0.30 9.19
C LEU B 167 -4.64 -1.79 9.46
N CYS B 168 -3.49 -2.46 9.27
CA CYS B 168 -3.26 -3.87 9.65
C CYS B 168 -2.89 -4.02 11.12
N LYS B 169 -2.79 -2.90 11.82
CA LYS B 169 -2.31 -2.86 13.19
C LYS B 169 -0.89 -3.40 13.30
N GLU B 170 -0.14 -3.26 12.21
CA GLU B 170 1.22 -3.72 12.18
C GLU B 170 2.15 -2.65 12.72
N ILE B 171 1.73 -1.39 12.65
CA ILE B 171 2.49 -0.25 13.18
C ILE B 171 1.52 0.70 13.92
N SER B 172 1.96 1.30 15.02
CA SER B 172 1.07 2.19 15.77
C SER B 172 0.87 3.49 15.02
N THR B 173 -0.21 4.18 15.38
CA THR B 173 -0.48 5.51 14.87
C THR B 173 0.73 6.40 15.07
N GLU B 174 1.27 6.34 16.29
CA GLU B 174 2.39 7.20 16.70
C GLU B 174 3.63 6.86 15.85
N ASP B 175 3.90 5.59 15.65
CA ASP B 175 5.06 5.25 14.85
C ASP B 175 4.93 5.65 13.40
N ALA B 176 3.74 5.43 12.81
CA ALA B 176 3.51 5.81 11.43
C ALA B 176 3.75 7.32 11.23
N ARG B 177 3.23 8.13 12.16
CA ARG B 177 3.36 9.57 12.12
C ARG B 177 4.82 10.00 12.32
N SER B 178 5.53 9.30 13.20
CA SER B 178 6.91 9.64 13.49
C SER B 178 7.77 9.36 12.26
N HIS B 179 7.54 8.22 11.60
CA HIS B 179 8.23 7.94 10.31
C HIS B 179 8.05 9.01 9.25
N LEU B 180 6.81 9.47 9.08
CA LEU B 180 6.47 10.54 8.14
C LEU B 180 7.14 11.84 8.51
N LEU B 181 7.08 12.22 9.79
CA LEU B 181 7.85 13.39 10.31
C LEU B 181 9.34 13.26 10.01
N GLY B 182 9.89 12.06 10.20
CA GLY B 182 11.26 11.80 9.83
C GLY B 182 11.56 12.01 8.35
N ALA B 183 10.67 11.52 7.48
CA ALA B 183 10.75 11.79 6.05
C ALA B 183 10.72 13.27 5.74
N ILE B 184 9.76 14.00 6.31
CA ILE B 184 9.66 15.46 6.14
C ILE B 184 10.98 16.11 6.61
N ASP B 185 11.51 15.67 7.75
CA ASP B 185 12.78 16.24 8.26
C ASP B 185 13.90 16.07 7.27
N VAL B 186 13.99 14.86 6.71
CA VAL B 186 14.98 14.53 5.68
C VAL B 186 14.87 15.50 4.48
N VAL B 187 13.65 15.77 4.02
CA VAL B 187 13.40 16.71 2.90
C VAL B 187 13.69 18.19 3.19
N SER B 189 16.06 18.97 5.30
CA SER B 189 17.48 18.99 5.68
C SER B 189 18.40 18.51 4.56
#